data_4YK1
#
_entry.id   4YK1
#
_cell.length_a   79.250
_cell.length_b   79.250
_cell.length_c   85.970
_cell.angle_alpha   90.000
_cell.angle_beta   90.000
_cell.angle_gamma   90.000
#
_symmetry.space_group_name_H-M   'P 41 2 2'
#
loop_
_entity.id
_entity.type
_entity.pdbx_description
1 polymer 'Bartonella effector protein (Bep) substrate of VirB T4SS'
2 water water
#
_entity_poly.entity_id   1
_entity_poly.type   'polypeptide(L)'
_entity_poly.pdbx_seq_one_letter_code
;(MSE)AHHHHHH(MSE)LIPAEQLPPLKEEEVIEKIENDACIQKSLEKIRALSKLIYNNPEILEQDISHINANPK(MSE)
GRELSERIINSPKSIGRLKGRKIGYIKSQKYKISEQNAKILSNEIFNYADKVSNIRCTI(MSE)REHKAKGRRLLQTVK
(MSE)PS
;
_entity_poly.pdbx_strand_id   A
#
# COMPACT_ATOMS: atom_id res chain seq x y z
N MSE A 9 5.81 38.95 1.99
CA MSE A 9 7.23 38.82 1.68
C MSE A 9 7.56 37.46 1.08
O MSE A 9 6.71 36.56 1.04
CB MSE A 9 8.06 39.07 2.93
CG MSE A 9 7.74 38.17 4.11
SE MSE A 9 8.59 38.81 5.76
CE MSE A 9 7.63 40.50 5.96
N LEU A 10 8.80 37.31 0.62
CA LEU A 10 9.22 36.12 -0.13
C LEU A 10 10.08 35.17 0.71
N ILE A 11 9.45 34.13 1.24
CA ILE A 11 10.16 33.04 1.91
C ILE A 11 10.79 32.14 0.85
N PRO A 12 12.13 32.04 0.85
CA PRO A 12 12.87 31.27 -0.16
C PRO A 12 12.35 29.84 -0.39
N ALA A 13 12.06 29.10 0.68
CA ALA A 13 11.59 27.71 0.54
C ALA A 13 10.22 27.60 -0.13
N GLU A 14 9.46 28.69 -0.14
CA GLU A 14 8.13 28.69 -0.74
C GLU A 14 8.15 29.11 -2.21
N GLN A 15 9.33 29.48 -2.70
CA GLN A 15 9.51 29.83 -4.12
C GLN A 15 9.84 28.58 -4.93
N LEU A 16 9.82 27.43 -4.26
CA LEU A 16 10.09 26.15 -4.90
C LEU A 16 8.78 25.49 -5.34
N PRO A 17 8.76 24.90 -6.53
CA PRO A 17 7.58 24.21 -7.04
C PRO A 17 7.09 23.12 -6.09
N PRO A 18 5.79 23.08 -5.80
CA PRO A 18 5.24 22.08 -4.89
C PRO A 18 5.35 20.68 -5.48
N LEU A 19 5.48 19.68 -4.63
CA LEU A 19 5.46 18.30 -5.07
C LEU A 19 4.01 17.88 -5.30
N LYS A 20 3.70 17.45 -6.50
CA LYS A 20 2.33 17.08 -6.87
C LYS A 20 1.98 15.64 -6.48
N GLU A 21 0.77 15.43 -5.96
CA GLU A 21 0.37 14.11 -5.46
C GLU A 21 0.42 13.06 -6.57
N GLU A 22 0.06 13.45 -7.79
CA GLU A 22 0.10 12.54 -8.93
C GLU A 22 1.52 12.03 -9.19
N GLU A 23 2.53 12.86 -8.91
CA GLU A 23 3.92 12.45 -9.09
C GLU A 23 4.32 11.43 -8.02
N VAL A 24 3.81 11.62 -6.82
CA VAL A 24 4.06 10.68 -5.75
C VAL A 24 3.43 9.35 -6.12
N ILE A 25 2.17 9.39 -6.53
CA ILE A 25 1.43 8.18 -6.88
C ILE A 25 2.12 7.45 -8.01
N GLU A 26 2.58 8.21 -9.01
CA GLU A 26 3.25 7.62 -10.16
C GLU A 26 4.50 6.88 -9.73
N LYS A 27 5.27 7.49 -8.82
CA LYS A 27 6.48 6.86 -8.30
C LYS A 27 6.16 5.59 -7.50
N ILE A 28 5.09 5.63 -6.72
CA ILE A 28 4.69 4.44 -5.97
C ILE A 28 4.36 3.32 -6.93
N GLU A 29 3.49 3.60 -7.89
CA GLU A 29 3.00 2.57 -8.80
C GLU A 29 4.09 1.98 -9.68
N ASN A 30 5.15 2.75 -9.94
CA ASN A 30 6.20 2.24 -10.80
C ASN A 30 7.32 1.57 -10.01
N ASP A 31 7.24 1.58 -8.69
CA ASP A 31 8.28 0.94 -7.88
C ASP A 31 8.20 -0.57 -8.05
N ALA A 32 9.36 -1.19 -8.27
CA ALA A 32 9.40 -2.62 -8.57
C ALA A 32 8.94 -3.48 -7.39
N CYS A 33 9.30 -3.10 -6.17
CA CYS A 33 8.89 -3.88 -5.00
C CYS A 33 7.39 -3.73 -4.75
N ILE A 34 6.88 -2.52 -4.98
CA ILE A 34 5.44 -2.28 -4.89
C ILE A 34 4.72 -3.18 -5.88
N GLN A 35 5.26 -3.29 -7.09
CA GLN A 35 4.58 -4.05 -8.13
C GLN A 35 4.60 -5.55 -7.84
N LYS A 36 5.72 -6.06 -7.32
CA LYS A 36 5.79 -7.46 -6.91
C LYS A 36 4.83 -7.72 -5.73
N SER A 37 4.82 -6.79 -4.78
CA SER A 37 3.92 -6.94 -3.63
C SER A 37 2.46 -6.93 -4.07
N LEU A 38 2.11 -6.02 -4.97
CA LEU A 38 0.74 -5.92 -5.47
C LEU A 38 0.31 -7.19 -6.20
N GLU A 39 1.23 -7.80 -6.95
CA GLU A 39 0.92 -9.05 -7.61
C GLU A 39 0.61 -10.16 -6.59
N LYS A 40 1.34 -10.17 -5.48
CA LYS A 40 1.09 -11.15 -4.41
C LYS A 40 -0.28 -10.91 -3.75
N ILE A 41 -0.59 -9.66 -3.50
CA ILE A 41 -1.87 -9.30 -2.89
C ILE A 41 -3.03 -9.72 -3.80
N ARG A 42 -2.88 -9.50 -5.10
CA ARG A 42 -3.90 -9.93 -6.05
C ARG A 42 -4.06 -11.45 -6.08
N ALA A 43 -2.94 -12.18 -6.06
CA ALA A 43 -2.98 -13.64 -6.12
C ALA A 43 -3.59 -14.23 -4.83
N LEU A 44 -3.18 -13.69 -3.69
CA LEU A 44 -3.80 -14.05 -2.42
C LEU A 44 -5.29 -13.75 -2.43
N SER A 45 -5.66 -12.55 -2.87
CA SER A 45 -7.07 -12.16 -2.94
C SER A 45 -7.88 -13.12 -3.80
N LYS A 46 -7.29 -13.61 -4.88
CA LYS A 46 -7.97 -14.60 -5.72
C LYS A 46 -8.14 -15.91 -4.95
N LEU A 47 -7.07 -16.36 -4.29
CA LEU A 47 -7.12 -17.59 -3.50
C LEU A 47 -8.15 -17.56 -2.37
N ILE A 48 -8.25 -16.41 -1.70
CA ILE A 48 -9.02 -16.31 -0.49
C ILE A 48 -10.48 -15.96 -0.79
N TYR A 49 -10.68 -14.99 -1.69
CA TYR A 49 -11.97 -14.36 -1.88
C TYR A 49 -12.53 -14.59 -3.29
N ASN A 50 -11.75 -15.27 -4.14
CA ASN A 50 -12.12 -15.55 -5.52
C ASN A 50 -12.25 -14.26 -6.28
N ASN A 51 -11.52 -13.24 -5.85
CA ASN A 51 -11.58 -11.96 -6.53
C ASN A 51 -10.27 -11.20 -6.35
N PRO A 52 -9.46 -11.17 -7.41
CA PRO A 52 -8.14 -10.52 -7.41
C PRO A 52 -8.22 -9.04 -7.05
N GLU A 53 -9.33 -8.38 -7.34
CA GLU A 53 -9.39 -6.92 -7.15
C GLU A 53 -10.23 -6.48 -5.95
N ILE A 54 -10.54 -7.42 -5.05
CA ILE A 54 -11.42 -7.11 -3.93
C ILE A 54 -10.86 -5.98 -3.06
N LEU A 55 -9.53 -5.85 -2.99
CA LEU A 55 -8.92 -4.76 -2.21
C LEU A 55 -8.42 -3.61 -3.09
N GLU A 56 -8.89 -3.53 -4.32
CA GLU A 56 -8.39 -2.52 -5.26
C GLU A 56 -8.58 -1.10 -4.72
N GLN A 57 -9.75 -0.83 -4.16
CA GLN A 57 -10.02 0.48 -3.57
C GLN A 57 -9.12 0.75 -2.35
N ASP A 58 -8.90 -0.28 -1.54
CA ASP A 58 -8.01 -0.14 -0.38
C ASP A 58 -6.56 0.21 -0.77
N ILE A 59 -6.09 -0.38 -1.86
CA ILE A 59 -4.71 -0.13 -2.31
C ILE A 59 -4.54 1.35 -2.69
N SER A 60 -5.54 1.88 -3.40
CA SER A 60 -5.52 3.30 -3.77
C SER A 60 -5.45 4.20 -2.54
N HIS A 61 -6.20 3.86 -1.50
CA HIS A 61 -6.19 4.67 -0.28
C HIS A 61 -4.87 4.52 0.49
N ILE A 62 -4.32 3.31 0.51
CA ILE A 62 -3.04 3.08 1.16
C ILE A 62 -1.93 3.85 0.43
N ASN A 63 -1.99 3.87 -0.89
CA ASN A 63 -0.98 4.61 -1.66
C ASN A 63 -1.01 6.07 -1.27
N ALA A 64 -2.19 6.57 -0.95
CA ALA A 64 -2.32 7.96 -0.54
C ALA A 64 -2.06 8.12 0.97
N ASN A 65 -2.36 7.08 1.74
CA ASN A 65 -2.24 7.15 3.19
C ASN A 65 -1.88 5.80 3.78
N PRO A 66 -0.56 5.52 3.85
CA PRO A 66 -0.02 4.23 4.28
C PRO A 66 -0.52 3.78 5.65
N LYS A 67 -0.85 4.74 6.51
CA LYS A 67 -1.33 4.43 7.86
C LYS A 67 -2.56 3.54 7.85
N MSE A 68 -3.42 3.72 6.87
N MSE A 68 -3.41 3.72 6.85
CA MSE A 68 -4.60 2.87 6.77
CA MSE A 68 -4.62 2.89 6.70
C MSE A 68 -4.23 1.41 6.58
C MSE A 68 -4.30 1.44 6.37
O MSE A 68 -4.97 0.51 6.97
O MSE A 68 -5.16 0.55 6.46
CB MSE A 68 -5.50 3.34 5.62
CB MSE A 68 -5.53 3.49 5.61
CG MSE A 68 -6.69 2.45 5.40
CG MSE A 68 -6.76 4.22 6.16
SE MSE A 68 -7.53 2.83 3.71
SE MSE A 68 -7.59 5.43 4.86
CE MSE A 68 -8.28 4.57 4.15
CE MSE A 68 -7.73 7.02 5.96
N GLY A 69 -3.06 1.17 5.98
CA GLY A 69 -2.63 -0.19 5.69
C GLY A 69 -2.49 -1.01 6.98
N ARG A 70 -1.96 -0.38 8.02
CA ARG A 70 -1.82 -1.04 9.32
CA ARG A 70 -1.81 -1.05 9.30
C ARG A 70 -3.19 -1.44 9.85
N GLU A 71 -4.14 -0.52 9.78
CA GLU A 71 -5.51 -0.74 10.23
C GLU A 71 -6.20 -1.85 9.43
N LEU A 72 -6.08 -1.79 8.10
CA LEU A 72 -6.64 -2.86 7.27
C LEU A 72 -6.00 -4.21 7.56
N SER A 73 -4.68 -4.24 7.76
CA SER A 73 -4.02 -5.50 8.09
CA SER A 73 -4.05 -5.52 8.07
C SER A 73 -4.63 -6.11 9.36
N GLU A 74 -4.92 -5.26 10.33
CA GLU A 74 -5.50 -5.71 11.60
C GLU A 74 -6.92 -6.24 11.41
N ARG A 75 -7.71 -5.55 10.61
CA ARG A 75 -9.10 -5.91 10.43
C ARG A 75 -9.23 -7.24 9.70
N ILE A 76 -8.36 -7.47 8.73
CA ILE A 76 -8.36 -8.72 7.98
C ILE A 76 -8.08 -9.89 8.90
N ILE A 77 -7.10 -9.72 9.77
CA ILE A 77 -6.75 -10.83 10.63
C ILE A 77 -7.80 -10.95 11.75
N ASN A 78 -8.40 -9.84 12.17
CA ASN A 78 -9.47 -9.90 13.18
C ASN A 78 -10.64 -10.75 12.66
N SER A 79 -11.00 -10.60 11.38
CA SER A 79 -12.09 -11.38 10.79
C SER A 79 -12.00 -11.33 9.28
N PRO A 80 -11.33 -12.33 8.69
CA PRO A 80 -11.10 -12.35 7.25
C PRO A 80 -12.40 -12.26 6.46
N LYS A 81 -13.47 -12.83 6.99
CA LYS A 81 -14.73 -12.85 6.25
C LYS A 81 -15.39 -11.47 6.20
N SER A 82 -14.92 -10.50 6.99
CA SER A 82 -15.44 -9.13 6.85
C SER A 82 -15.28 -8.62 5.42
N ILE A 83 -14.20 -9.03 4.76
CA ILE A 83 -13.89 -8.55 3.40
C ILE A 83 -14.88 -9.14 2.39
N GLY A 84 -15.19 -10.40 2.56
CA GLY A 84 -16.13 -11.09 1.72
C GLY A 84 -16.08 -12.54 2.10
N ARG A 85 -16.90 -13.35 1.44
CA ARG A 85 -16.94 -14.79 1.66
C ARG A 85 -15.64 -15.45 1.23
N LEU A 86 -15.17 -16.36 2.09
CA LEU A 86 -13.94 -17.12 1.84
C LEU A 86 -14.19 -18.31 0.93
N LYS A 87 -13.19 -18.65 0.13
CA LYS A 87 -13.29 -19.76 -0.79
C LYS A 87 -13.20 -21.08 -0.03
N GLY A 88 -13.99 -22.06 -0.43
CA GLY A 88 -13.99 -23.36 0.24
C GLY A 88 -15.31 -23.61 0.94
N ARG A 89 -15.72 -24.87 1.02
CA ARG A 89 -17.03 -25.17 1.58
C ARG A 89 -17.00 -25.26 3.10
N LYS A 90 -18.15 -24.91 3.66
CA LYS A 90 -18.33 -24.82 5.09
C LYS A 90 -19.82 -25.06 5.34
N ILE A 91 -20.16 -25.92 6.30
CA ILE A 91 -21.57 -26.12 6.65
C ILE A 91 -21.71 -26.00 8.16
N GLY A 92 -22.45 -24.99 8.60
CA GLY A 92 -22.51 -24.68 10.01
C GLY A 92 -21.11 -24.37 10.53
N TYR A 93 -20.71 -25.04 11.60
CA TYR A 93 -19.38 -24.84 12.16
C TYR A 93 -18.32 -25.68 11.44
N ILE A 94 -18.76 -26.61 10.59
CA ILE A 94 -17.85 -27.57 9.99
C ILE A 94 -17.21 -27.01 8.72
N LYS A 95 -15.90 -26.84 8.77
CA LYS A 95 -15.15 -26.24 7.67
C LYS A 95 -14.44 -27.31 6.86
N SER A 96 -14.44 -27.16 5.54
CA SER A 96 -13.57 -28.00 4.72
C SER A 96 -12.11 -27.59 4.92
N GLN A 97 -11.21 -28.46 4.49
CA GLN A 97 -9.79 -28.16 4.51
C GLN A 97 -9.51 -26.92 3.66
N LYS A 98 -10.18 -26.84 2.51
CA LYS A 98 -10.00 -25.70 1.60
C LYS A 98 -10.36 -24.38 2.29
N TYR A 99 -11.46 -24.40 3.04
CA TYR A 99 -11.90 -23.22 3.79
C TYR A 99 -10.85 -22.83 4.81
N LYS A 100 -10.33 -23.83 5.54
CA LYS A 100 -9.27 -23.55 6.53
C LYS A 100 -8.01 -23.00 5.88
N ILE A 101 -7.73 -23.41 4.65
CA ILE A 101 -6.56 -22.91 3.93
C ILE A 101 -6.79 -21.45 3.53
N SER A 102 -8.02 -21.11 3.16
CA SER A 102 -8.36 -19.70 2.91
C SER A 102 -8.13 -18.86 4.18
N GLU A 103 -8.51 -19.39 5.35
CA GLU A 103 -8.29 -18.64 6.60
C GLU A 103 -6.80 -18.45 6.85
N GLN A 104 -6.00 -19.46 6.54
CA GLN A 104 -4.56 -19.34 6.73
C GLN A 104 -3.98 -18.35 5.73
N ASN A 105 -4.43 -18.42 4.48
CA ASN A 105 -3.93 -17.47 3.49
C ASN A 105 -4.33 -16.02 3.83
N ALA A 106 -5.47 -15.81 4.49
CA ALA A 106 -5.86 -14.46 4.91
C ALA A 106 -4.85 -13.85 5.86
N LYS A 107 -4.25 -14.67 6.72
CA LYS A 107 -3.17 -14.19 7.61
C LYS A 107 -1.96 -13.72 6.81
N ILE A 108 -1.63 -14.46 5.75
CA ILE A 108 -0.52 -14.11 4.88
C ILE A 108 -0.87 -12.81 4.14
N LEU A 109 -2.13 -12.71 3.72
CA LEU A 109 -2.58 -11.49 3.06
C LEU A 109 -2.49 -10.29 4.00
N SER A 110 -2.94 -10.48 5.24
CA SER A 110 -2.86 -9.42 6.24
C SER A 110 -1.43 -8.95 6.39
N ASN A 111 -0.51 -9.90 6.52
CA ASN A 111 0.92 -9.59 6.62
C ASN A 111 1.43 -8.81 5.40
N GLU A 112 1.00 -9.23 4.21
CA GLU A 112 1.47 -8.60 2.96
C GLU A 112 0.94 -7.16 2.85
N ILE A 113 -0.30 -6.94 3.25
CA ILE A 113 -0.86 -5.57 3.31
C ILE A 113 -0.03 -4.70 4.27
N PHE A 114 0.32 -5.23 5.43
CA PHE A 114 1.14 -4.47 6.37
C PHE A 114 2.49 -4.12 5.71
N ASN A 115 3.11 -5.10 5.08
CA ASN A 115 4.41 -4.85 4.45
C ASN A 115 4.32 -3.88 3.27
N TYR A 116 3.24 -4.00 2.50
CA TYR A 116 2.98 -3.10 1.39
C TYR A 116 2.90 -1.66 1.90
N ALA A 117 2.16 -1.44 2.98
CA ALA A 117 1.99 -0.09 3.52
C ALA A 117 3.31 0.49 4.00
N ASP A 118 4.17 -0.36 4.57
CA ASP A 118 5.50 0.11 5.01
C ASP A 118 6.33 0.58 3.81
N LYS A 119 6.25 -0.15 2.70
CA LYS A 119 6.99 0.23 1.49
C LYS A 119 6.48 1.56 0.97
N VAL A 120 5.16 1.71 0.90
CA VAL A 120 4.57 2.97 0.45
C VAL A 120 5.06 4.14 1.31
N SER A 121 5.04 3.96 2.62
CA SER A 121 5.47 4.97 3.57
C SER A 121 6.91 5.43 3.31
N ASN A 122 7.79 4.48 3.09
CA ASN A 122 9.19 4.81 2.79
C ASN A 122 9.35 5.53 1.45
N ILE A 123 8.59 5.11 0.45
CA ILE A 123 8.65 5.73 -0.88
C ILE A 123 8.22 7.19 -0.78
N ARG A 124 7.10 7.41 -0.11
CA ARG A 124 6.57 8.75 0.07
C ARG A 124 7.57 9.65 0.83
N CYS A 125 8.24 9.10 1.83
CA CYS A 125 9.21 9.88 2.61
CA CYS A 125 9.20 9.87 2.61
C CYS A 125 10.43 10.21 1.77
N THR A 126 10.94 9.22 1.04
CA THR A 126 12.08 9.41 0.15
C THR A 126 11.78 10.47 -0.91
N ILE A 127 10.58 10.41 -1.51
CA ILE A 127 10.20 11.38 -2.53
C ILE A 127 10.19 12.79 -1.97
N MSE A 128 9.59 12.96 -0.81
CA MSE A 128 9.51 14.28 -0.18
C MSE A 128 10.89 14.82 0.18
O MSE A 128 11.17 16.00 -0.02
CB MSE A 128 8.63 14.22 1.08
N ARG A 129 11.75 13.95 0.71
CA ARG A 129 13.11 14.36 1.07
C ARG A 129 13.94 14.75 -0.15
N GLU A 130 13.87 13.96 -1.22
CA GLU A 130 14.60 14.28 -2.45
C GLU A 130 14.10 15.58 -3.07
N HIS A 131 12.80 15.82 -2.97
CA HIS A 131 12.22 17.06 -3.49
C HIS A 131 12.70 18.29 -2.70
N LYS A 132 12.74 18.18 -1.38
CA LYS A 132 13.23 19.29 -0.55
C LYS A 132 14.71 19.55 -0.86
N ALA A 133 15.47 18.48 -1.02
CA ALA A 133 16.89 18.59 -1.30
C ALA A 133 17.11 19.25 -2.64
N LYS A 134 16.32 18.88 -3.64
CA LYS A 134 16.41 19.51 -4.95
C LYS A 134 16.05 20.99 -4.86
N GLY A 135 15.01 21.31 -4.08
CA GLY A 135 14.60 22.69 -3.91
C GLY A 135 15.73 23.51 -3.32
N ARG A 136 16.35 22.96 -2.27
CA ARG A 136 17.47 23.62 -1.62
C ARG A 136 18.62 23.87 -2.59
N ARG A 137 18.98 22.87 -3.39
CA ARG A 137 20.01 23.07 -4.43
C ARG A 137 19.61 24.15 -5.42
N LEU A 138 18.38 24.10 -5.91
CA LEU A 138 17.91 25.10 -6.88
C LEU A 138 18.02 26.51 -6.32
N LEU A 139 17.75 26.65 -5.03
CA LEU A 139 17.84 27.92 -4.33
C LEU A 139 19.28 28.43 -4.18
N GLN A 140 20.18 27.58 -3.72
CA GLN A 140 21.48 28.06 -3.28
C GLN A 140 22.56 27.99 -4.35
N THR A 141 22.28 27.27 -5.44
CA THR A 141 23.33 27.00 -6.44
C THR A 141 23.70 28.25 -7.25
N VAL A 142 24.98 28.35 -7.61
CA VAL A 142 25.47 29.35 -8.55
C VAL A 142 25.89 28.59 -9.80
N LYS A 143 25.22 28.85 -10.92
CA LYS A 143 25.45 28.13 -12.16
C LYS A 143 26.59 28.77 -12.93
N MSE A 144 27.72 28.10 -12.97
CA MSE A 144 28.84 28.68 -13.70
C MSE A 144 28.90 28.16 -15.12
O MSE A 144 28.49 27.02 -15.37
CB MSE A 144 30.13 28.40 -12.95
CG MSE A 144 30.80 29.69 -12.55
SE MSE A 144 31.27 29.59 -10.70
CE MSE A 144 31.92 27.75 -10.75
N PRO A 145 29.38 29.00 -16.05
CA PRO A 145 29.51 28.65 -17.47
C PRO A 145 30.26 27.34 -17.71
#